data_3U0H
#
_entry.id   3U0H
#
_cell.length_a   53.555
_cell.length_b   240.329
_cell.length_c   113.356
_cell.angle_alpha   90.000
_cell.angle_beta   90.000
_cell.angle_gamma   90.000
#
_symmetry.space_group_name_H-M   'C 2 2 21'
#
loop_
_entity.id
_entity.type
_entity.pdbx_description
1 polymer 'Xylose isomerase domain protein'
2 non-polymer 'PHOSPHATE ION'
3 non-polymer 1,2-ETHANEDIOL
4 non-polymer GLYCEROL
5 water water
#
_entity_poly.entity_id   1
_entity_poly.type   'polypeptide(L)'
_entity_poly.pdbx_seq_one_letter_code
;SNA(MSE)EPCLHPTLVDETSLVLYLDLARETGYRYVDVPFHWLEAEAERHGDAAVEA(MSE)FQRRGLVLANLGLPLNL
YDSEPVFLRELSLLPDRARLCARLGARSVTAFLWPS(MSE)DEEPVRYISQLARRIRQVAVELLPLG(MSE)RVGLEYVG
PHHLRHRRYPFVQSLADLKTFWEAIGAPNVGALVDSYHWYTAGEHEDDLAQLPPEKVVYVHINDTRDAPEDAHDGKRLLP
GDGRIPLVPFLRGLYLAGYRGPVAAEVLHETPLDGTGESRARLVRERLEKLIALAKG
;
_entity_poly.pdbx_strand_id   A,B
#
loop_
_chem_comp.id
_chem_comp.type
_chem_comp.name
_chem_comp.formula
EDO non-polymer 1,2-ETHANEDIOL 'C2 H6 O2'
GOL non-polymer GLYCEROL 'C3 H8 O3'
PO4 non-polymer 'PHOSPHATE ION' 'O4 P -3'
#
# COMPACT_ATOMS: atom_id res chain seq x y z
N ALA A 3 -4.77 -0.83 35.00
CA ALA A 3 -4.61 -2.33 35.07
C ALA A 3 -5.22 -2.94 33.79
N MSE A 4 -4.75 -4.11 33.37
CA MSE A 4 -5.56 -4.97 32.44
C MSE A 4 -6.85 -5.41 33.09
O MSE A 4 -6.77 -5.98 34.17
CB MSE A 4 -4.86 -6.27 32.15
CG MSE A 4 -3.90 -6.22 31.04
SE MSE A 4 -3.26 -8.01 30.65
CE MSE A 4 -2.21 -7.32 29.31
N GLU A 5 -7.99 -5.25 32.41
CA GLU A 5 -9.26 -5.61 33.00
C GLU A 5 -10.20 -6.36 32.12
N PRO A 6 -11.12 -7.11 32.74
CA PRO A 6 -12.07 -7.88 31.98
C PRO A 6 -13.09 -6.93 31.41
N CYS A 7 -13.57 -7.26 30.23
CA CYS A 7 -14.50 -6.42 29.49
C CYS A 7 -15.59 -7.33 28.97
N LEU A 8 -16.83 -6.92 29.11
CA LEU A 8 -17.95 -7.75 28.65
C LEU A 8 -18.15 -7.55 27.14
N HIS A 9 -18.46 -8.65 26.47
CA HIS A 9 -18.73 -8.65 25.06
C HIS A 9 -20.11 -9.25 24.73
N PRO A 10 -20.83 -8.68 23.76
CA PRO A 10 -22.21 -9.10 23.42
C PRO A 10 -22.44 -10.61 23.18
N THR A 11 -21.46 -11.26 22.54
CA THR A 11 -21.52 -12.71 22.31
C THR A 11 -21.54 -13.53 23.55
N LEU A 12 -21.09 -13.01 24.67
CA LEU A 12 -21.13 -13.81 25.88
C LEU A 12 -22.51 -14.03 26.43
N VAL A 13 -23.41 -13.08 26.18
CA VAL A 13 -24.72 -13.04 26.82
C VAL A 13 -25.83 -13.08 25.79
N ASP A 14 -26.99 -13.53 26.19
CA ASP A 14 -27.98 -13.85 25.12
C ASP A 14 -28.88 -12.66 25.00
N GLU A 15 -28.32 -11.49 24.67
CA GLU A 15 -29.02 -10.26 25.01
C GLU A 15 -28.86 -9.23 23.93
N THR A 16 -30.00 -8.71 23.50
CA THR A 16 -30.07 -7.82 22.36
C THR A 16 -30.51 -6.41 22.79
N SER A 17 -31.25 -6.28 23.91
CA SER A 17 -31.62 -4.92 24.46
C SER A 17 -30.44 -4.17 24.99
N LEU A 18 -30.27 -2.95 24.53
CA LEU A 18 -29.18 -2.13 25.04
C LEU A 18 -29.31 -1.94 26.53
N VAL A 19 -30.48 -1.51 26.98
CA VAL A 19 -30.68 -1.24 28.41
C VAL A 19 -30.32 -2.44 29.28
N LEU A 20 -30.79 -3.60 28.85
CA LEU A 20 -30.63 -4.79 29.68
C LEU A 20 -29.19 -5.29 29.59
N TYR A 21 -28.53 -5.04 28.46
CA TYR A 21 -27.17 -5.53 28.28
C TYR A 21 -26.35 -4.71 29.26
N LEU A 22 -26.57 -3.39 29.28
CA LEU A 22 -25.79 -2.56 30.20
C LEU A 22 -26.07 -2.95 31.65
N ASP A 23 -27.32 -3.33 31.93
CA ASP A 23 -27.73 -3.77 33.28
C ASP A 23 -26.99 -5.03 33.69
N LEU A 24 -26.95 -6.00 32.77
CA LEU A 24 -26.18 -7.20 32.99
C LEU A 24 -24.67 -6.88 33.28
N ALA A 25 -24.04 -5.93 32.55
CA ALA A 25 -22.64 -5.60 32.80
C ALA A 25 -22.43 -5.14 34.22
N ARG A 26 -23.24 -4.20 34.68
CA ARG A 26 -23.16 -3.67 36.06
C ARG A 26 -23.38 -4.81 37.05
N GLU A 27 -24.45 -5.58 36.83
CA GLU A 27 -24.89 -6.61 37.77
C GLU A 27 -23.81 -7.66 37.91
N THR A 28 -23.08 -7.97 36.84
CA THR A 28 -22.07 -9.03 36.93
C THR A 28 -20.68 -8.45 37.31
N GLY A 29 -20.63 -7.17 37.74
CA GLY A 29 -19.43 -6.58 38.28
C GLY A 29 -18.41 -6.09 37.25
N TYR A 30 -18.78 -5.91 35.97
CA TYR A 30 -17.86 -5.30 35.00
C TYR A 30 -17.91 -3.77 35.07
N ARG A 31 -16.82 -3.14 34.62
CA ARG A 31 -16.75 -1.68 34.40
C ARG A 31 -16.60 -1.41 32.88
N TYR A 32 -15.72 -2.14 32.22
CA TYR A 32 -15.58 -2.02 30.77
C TYR A 32 -16.63 -2.85 30.00
N VAL A 33 -17.35 -2.19 29.06
CA VAL A 33 -18.24 -2.88 28.13
C VAL A 33 -17.91 -2.57 26.67
N ASP A 34 -17.86 -3.65 25.90
CA ASP A 34 -17.83 -3.60 24.46
C ASP A 34 -19.30 -3.59 23.98
N VAL A 35 -19.64 -2.56 23.26
CA VAL A 35 -20.96 -2.37 22.67
C VAL A 35 -20.73 -1.96 21.23
N PRO A 36 -21.31 -2.71 20.26
CA PRO A 36 -21.25 -2.25 18.88
C PRO A 36 -21.92 -0.85 18.66
N PHE A 37 -21.38 -0.07 17.74
CA PHE A 37 -21.81 1.32 17.58
C PHE A 37 -23.30 1.47 17.14
N HIS A 38 -23.78 0.58 16.26
CA HIS A 38 -25.20 0.55 15.87
C HIS A 38 -26.08 0.50 17.07
N TRP A 39 -25.65 -0.14 18.15
CA TRP A 39 -26.51 -0.17 19.31
C TRP A 39 -26.60 1.20 19.90
N LEU A 40 -25.44 1.83 20.04
CA LEU A 40 -25.40 3.15 20.62
C LEU A 40 -26.09 4.20 19.72
N GLU A 41 -25.89 4.09 18.41
CA GLU A 41 -26.53 4.95 17.42
C GLU A 41 -28.06 4.88 17.42
N ALA A 42 -28.61 3.67 17.57
CA ALA A 42 -30.07 3.42 17.68
C ALA A 42 -30.63 4.19 18.85
N GLU A 43 -29.95 4.12 20.00
CA GLU A 43 -30.31 4.95 21.17
C GLU A 43 -30.09 6.46 20.94
N ALA A 44 -28.93 6.86 20.43
CA ALA A 44 -28.67 8.28 20.23
C ALA A 44 -29.81 8.89 19.40
N GLU A 45 -30.22 8.19 18.35
CA GLU A 45 -31.35 8.64 17.53
C GLU A 45 -32.67 8.78 18.27
N ARG A 46 -32.98 7.82 19.13
CA ARG A 46 -34.25 7.86 19.81
C ARG A 46 -34.23 8.94 20.86
N HIS A 47 -33.14 9.02 21.59
CA HIS A 47 -33.12 9.80 22.82
C HIS A 47 -32.03 10.87 22.93
N GLY A 48 -31.26 11.14 21.87
CA GLY A 48 -30.15 12.11 21.92
C GLY A 48 -28.91 11.57 22.65
N ASP A 49 -27.72 12.11 22.32
CA ASP A 49 -26.39 11.64 22.82
C ASP A 49 -26.25 11.67 24.36
N ALA A 50 -26.86 12.67 24.99
CA ALA A 50 -26.69 12.88 26.42
C ALA A 50 -27.33 11.73 27.28
N ALA A 51 -28.52 11.33 26.87
CA ALA A 51 -29.20 10.16 27.40
C ALA A 51 -28.32 8.89 27.31
N VAL A 52 -27.58 8.73 26.21
CA VAL A 52 -26.68 7.56 26.05
C VAL A 52 -25.53 7.63 27.05
N GLU A 53 -25.03 8.83 27.29
CA GLU A 53 -23.93 8.97 28.22
C GLU A 53 -24.41 8.71 29.62
N ALA A 54 -25.59 9.20 29.93
CA ALA A 54 -26.24 8.93 31.21
C ALA A 54 -26.42 7.43 31.52
N MSE A 55 -26.72 6.59 30.51
CA MSE A 55 -26.84 5.12 30.74
C MSE A 55 -25.54 4.48 31.26
O MSE A 55 -25.56 3.62 32.14
CB MSE A 55 -27.20 4.37 29.46
CG MSE A 55 -28.46 4.80 28.76
SE MSE A 55 -28.70 3.66 27.24
CE MSE A 55 -29.97 2.53 28.12
N PHE A 56 -24.43 4.89 30.64
CA PHE A 56 -23.09 4.46 31.09
C PHE A 56 -22.74 5.02 32.47
N GLN A 57 -22.86 6.34 32.63
CA GLN A 57 -22.48 7.01 33.90
C GLN A 57 -23.38 6.63 35.08
N ARG A 58 -24.67 6.41 34.87
CA ARG A 58 -25.54 5.88 35.95
C ARG A 58 -25.18 4.47 36.41
N ARG A 59 -24.46 3.71 35.56
CA ARG A 59 -24.09 2.33 35.88
C ARG A 59 -22.60 2.11 36.21
N GLY A 60 -21.79 3.17 36.26
CA GLY A 60 -20.35 2.98 36.43
C GLY A 60 -19.67 2.27 35.24
N LEU A 61 -20.16 2.45 34.02
CA LEU A 61 -19.56 1.72 32.88
C LEU A 61 -18.68 2.58 31.95
N VAL A 62 -17.66 1.97 31.36
CA VAL A 62 -16.80 2.59 30.38
C VAL A 62 -16.83 1.84 29.03
N LEU A 63 -17.14 2.58 27.95
CA LEU A 63 -17.18 1.98 26.60
C LEU A 63 -15.77 1.62 26.24
N ALA A 64 -15.54 0.36 25.94
CA ALA A 64 -14.20 -0.17 25.69
C ALA A 64 -13.59 0.26 24.32
N ASN A 65 -14.41 0.38 23.28
CA ASN A 65 -13.91 0.44 21.89
C ASN A 65 -15.00 0.86 20.93
N LEU A 66 -14.58 1.37 19.76
CA LEU A 66 -15.47 1.59 18.70
C LEU A 66 -15.08 0.75 17.51
N GLY A 67 -15.94 -0.24 17.23
CA GLY A 67 -15.90 -0.97 15.94
C GLY A 67 -16.10 -0.01 14.77
N LEU A 68 -15.12 0.11 13.90
CA LEU A 68 -15.16 1.14 12.81
C LEU A 68 -16.52 1.24 12.13
N PRO A 69 -17.21 2.37 12.24
CA PRO A 69 -18.58 2.34 11.65
C PRO A 69 -18.63 2.84 10.22
N LEU A 70 -17.96 2.09 9.34
CA LEU A 70 -18.07 2.18 7.91
C LEU A 70 -17.53 0.89 7.31
N ASN A 71 -17.71 0.76 6.02
CA ASN A 71 -17.39 -0.43 5.31
C ASN A 71 -16.22 0.00 4.41
N LEU A 72 -15.08 -0.64 4.63
CA LEU A 72 -13.82 -0.32 3.95
C LEU A 72 -13.82 -0.77 2.48
N TYR A 73 -14.87 -1.46 2.07
CA TYR A 73 -15.01 -2.07 0.74
C TYR A 73 -16.18 -1.45 -0.02
N ASP A 74 -16.77 -0.35 0.45
CA ASP A 74 -17.86 0.28 -0.30
C ASP A 74 -17.31 0.93 -1.55
N SER A 75 -18.23 1.35 -2.40
CA SER A 75 -17.93 2.27 -3.48
C SER A 75 -17.29 3.56 -2.88
N GLU A 76 -16.51 4.28 -3.71
CA GLU A 76 -15.79 5.46 -3.24
C GLU A 76 -16.76 6.52 -2.66
N PRO A 77 -17.88 6.88 -3.38
CA PRO A 77 -18.74 7.95 -2.86
C PRO A 77 -19.36 7.58 -1.50
N VAL A 78 -19.71 6.32 -1.27
CA VAL A 78 -20.32 5.92 0.01
C VAL A 78 -19.24 5.92 1.08
N PHE A 79 -18.06 5.39 0.74
CA PHE A 79 -16.96 5.39 1.66
C PHE A 79 -16.59 6.81 2.10
N LEU A 80 -16.40 7.69 1.15
CA LEU A 80 -16.06 9.08 1.52
C LEU A 80 -17.11 9.72 2.43
N ARG A 81 -18.35 9.40 2.19
CA ARG A 81 -19.46 9.94 2.94
CA ARG A 81 -19.36 10.04 2.99
C ARG A 81 -19.38 9.42 4.38
N GLU A 82 -19.22 8.11 4.50
CA GLU A 82 -19.13 7.52 5.84
C GLU A 82 -17.86 7.97 6.58
N LEU A 83 -16.80 8.30 5.82
CA LEU A 83 -15.58 8.81 6.44
C LEU A 83 -15.79 10.22 7.01
N SER A 84 -16.66 10.98 6.38
CA SER A 84 -16.97 12.31 6.87
C SER A 84 -17.74 12.32 8.11
N LEU A 85 -18.49 11.26 8.30
CA LEU A 85 -19.30 11.11 9.46
C LEU A 85 -18.52 10.48 10.59
N LEU A 86 -17.29 9.99 10.36
CA LEU A 86 -16.58 9.22 11.40
C LEU A 86 -16.17 10.04 12.64
N PRO A 87 -15.68 11.25 12.43
CA PRO A 87 -15.27 12.06 13.59
C PRO A 87 -16.31 12.28 14.71
N ASP A 88 -17.52 12.71 14.35
CA ASP A 88 -18.60 12.87 15.36
C ASP A 88 -18.98 11.55 16.02
N ARG A 89 -19.03 10.47 15.26
CA ARG A 89 -19.24 9.13 15.84
C ARG A 89 -18.06 8.77 16.75
N ALA A 90 -16.85 9.04 16.30
CA ALA A 90 -15.73 8.79 17.23
C ALA A 90 -15.77 9.70 18.48
N ARG A 91 -16.20 10.96 18.36
CA ARG A 91 -16.17 11.82 19.55
C ARG A 91 -17.21 11.33 20.57
N LEU A 92 -18.37 10.88 20.11
CA LEU A 92 -19.41 10.40 21.00
C LEU A 92 -18.80 9.20 21.73
N CYS A 93 -18.09 8.33 21.03
CA CYS A 93 -17.58 7.15 21.73
C CYS A 93 -16.46 7.51 22.66
N ALA A 94 -15.62 8.48 22.30
CA ALA A 94 -14.57 8.99 23.23
C ALA A 94 -15.17 9.42 24.59
N ARG A 95 -16.32 10.10 24.53
CA ARG A 95 -17.01 10.66 25.70
C ARG A 95 -17.50 9.56 26.65
N LEU A 96 -17.78 8.40 26.07
CA LEU A 96 -18.18 7.20 26.78
C LEU A 96 -16.98 6.32 27.22
N GLY A 97 -15.77 6.70 26.81
CA GLY A 97 -14.53 6.08 27.29
C GLY A 97 -13.65 5.33 26.27
N ALA A 98 -14.09 5.20 25.04
CA ALA A 98 -13.38 4.39 24.06
C ALA A 98 -12.11 5.19 23.67
N ARG A 99 -10.95 4.55 23.50
CA ARG A 99 -9.71 5.21 22.93
C ARG A 99 -9.23 4.68 21.57
N SER A 100 -10.00 3.78 21.00
CA SER A 100 -9.56 2.89 19.91
C SER A 100 -10.72 2.72 18.96
N VAL A 101 -10.39 2.55 17.70
CA VAL A 101 -11.32 2.21 16.67
C VAL A 101 -10.70 1.00 15.99
N THR A 102 -11.49 -0.04 15.71
CA THR A 102 -10.91 -1.34 15.22
C THR A 102 -11.61 -1.87 14.00
N ALA A 103 -10.93 -2.73 13.27
CA ALA A 103 -11.52 -3.44 12.14
C ALA A 103 -10.69 -4.69 11.89
N PHE A 104 -11.27 -5.66 11.21
CA PHE A 104 -10.54 -6.91 10.95
C PHE A 104 -10.17 -6.92 9.50
N LEU A 105 -9.17 -7.72 9.15
CA LEU A 105 -8.70 -7.85 7.79
C LEU A 105 -8.97 -9.27 7.35
N TRP A 106 -9.39 -9.41 6.11
CA TRP A 106 -9.63 -10.71 5.52
C TRP A 106 -8.32 -11.40 5.26
N PRO A 107 -8.23 -12.66 5.63
CA PRO A 107 -7.05 -13.47 5.40
C PRO A 107 -6.81 -13.89 3.96
N SER A 108 -7.86 -13.99 3.17
CA SER A 108 -7.70 -14.18 1.75
C SER A 108 -8.82 -13.50 0.99
N MSE A 109 -8.62 -13.30 -0.32
CA MSE A 109 -9.62 -12.62 -1.17
C MSE A 109 -9.51 -13.04 -2.61
O MSE A 109 -8.46 -13.50 -3.04
CB MSE A 109 -9.43 -11.08 -1.12
CG MSE A 109 -8.21 -10.48 -1.98
SE MSE A 109 -6.48 -10.85 -1.10
CE MSE A 109 -5.30 -9.82 -2.29
N ASP A 110 -10.57 -12.80 -3.36
CA ASP A 110 -10.55 -13.12 -4.79
C ASP A 110 -10.09 -11.98 -5.69
N GLU A 111 -10.14 -10.75 -5.20
CA GLU A 111 -9.75 -9.57 -5.99
C GLU A 111 -8.22 -9.49 -6.20
N GLU A 112 -7.84 -8.90 -7.33
CA GLU A 112 -6.44 -8.71 -7.69
C GLU A 112 -5.70 -7.91 -6.58
N PRO A 113 -4.54 -8.43 -6.09
CA PRO A 113 -3.76 -7.88 -4.97
C PRO A 113 -3.41 -6.42 -5.11
N VAL A 114 -2.91 -5.97 -6.27
CA VAL A 114 -2.43 -4.63 -6.31
C VAL A 114 -3.58 -3.65 -6.05
N ARG A 115 -4.76 -3.96 -6.58
CA ARG A 115 -5.99 -3.16 -6.38
C ARG A 115 -6.49 -3.25 -4.94
N TYR A 116 -6.58 -4.46 -4.43
CA TYR A 116 -7.30 -4.69 -3.22
C TYR A 116 -6.50 -4.10 -2.08
N ILE A 117 -5.22 -4.43 -2.08
CA ILE A 117 -4.29 -4.06 -1.03
C ILE A 117 -4.00 -2.57 -1.07
N SER A 118 -3.83 -1.99 -2.25
CA SER A 118 -3.52 -0.58 -2.34
C SER A 118 -4.71 0.31 -1.87
N GLN A 119 -5.93 -0.02 -2.33
CA GLN A 119 -7.06 0.77 -1.97
C GLN A 119 -7.28 0.63 -0.45
N LEU A 120 -7.21 -0.59 0.03
CA LEU A 120 -7.44 -0.79 1.44
C LEU A 120 -6.37 -0.01 2.32
N ALA A 121 -5.10 -0.01 1.89
CA ALA A 121 -4.03 0.75 2.58
C ALA A 121 -4.42 2.21 2.65
N ARG A 122 -4.89 2.74 1.54
CA ARG A 122 -5.16 4.17 1.46
C ARG A 122 -6.38 4.59 2.31
N ARG A 123 -7.39 3.75 2.37
CA ARG A 123 -8.63 4.09 3.11
C ARG A 123 -8.46 3.98 4.63
N ILE A 124 -7.66 3.03 5.05
CA ILE A 124 -7.30 2.84 6.46
C ILE A 124 -6.47 4.03 6.92
N ARG A 125 -5.59 4.50 6.03
CA ARG A 125 -4.78 5.69 6.28
C ARG A 125 -5.71 6.89 6.49
N GLN A 126 -6.64 7.07 5.56
CA GLN A 126 -7.65 8.14 5.67
C GLN A 126 -8.42 8.02 7.00
N VAL A 127 -8.81 6.81 7.37
CA VAL A 127 -9.51 6.63 8.63
C VAL A 127 -8.61 7.04 9.79
N ALA A 128 -7.37 6.57 9.78
CA ALA A 128 -6.44 6.84 10.87
C ALA A 128 -6.19 8.33 10.99
N VAL A 129 -6.02 9.00 9.87
CA VAL A 129 -5.84 10.43 9.85
C VAL A 129 -7.03 11.21 10.44
N GLU A 130 -8.27 10.79 10.18
CA GLU A 130 -9.42 11.51 10.76
C GLU A 130 -9.36 11.37 12.26
N LEU A 131 -8.62 10.39 12.75
CA LEU A 131 -8.66 10.12 14.21
C LEU A 131 -7.49 10.73 14.98
N LEU A 132 -6.49 11.26 14.26
CA LEU A 132 -5.34 11.86 14.93
C LEU A 132 -5.73 13.01 15.86
N PRO A 133 -6.73 13.89 15.50
CA PRO A 133 -7.05 14.99 16.39
C PRO A 133 -7.67 14.56 17.70
N LEU A 134 -8.17 13.32 17.74
CA LEU A 134 -8.96 12.85 18.87
C LEU A 134 -8.08 12.04 19.77
N GLY A 135 -6.84 11.82 19.36
CA GLY A 135 -5.97 10.98 20.18
C GLY A 135 -6.45 9.55 20.21
N MSE A 136 -6.84 9.03 19.06
CA MSE A 136 -7.35 7.66 19.04
C MSE A 136 -6.52 6.82 18.07
O MSE A 136 -5.93 7.32 17.07
CB MSE A 136 -8.83 7.67 18.72
CG MSE A 136 -9.75 8.14 19.87
SE MSE A 136 -11.63 8.35 19.29
CE MSE A 136 -12.46 6.70 19.93
N ARG A 137 -6.39 5.56 18.40
CA ARG A 137 -5.66 4.67 17.54
C ARG A 137 -6.59 3.67 16.87
N VAL A 138 -6.14 3.22 15.70
CA VAL A 138 -6.75 2.19 14.92
C VAL A 138 -6.05 0.86 15.21
N GLY A 139 -6.80 -0.12 15.64
CA GLY A 139 -6.25 -1.45 15.77
C GLY A 139 -6.90 -2.36 14.74
N LEU A 140 -6.05 -3.06 14.01
CA LEU A 140 -6.48 -3.90 12.92
C LEU A 140 -6.35 -5.31 13.44
N GLU A 141 -7.44 -6.04 13.41
CA GLU A 141 -7.43 -7.43 13.77
C GLU A 141 -6.93 -8.38 12.66
N TYR A 142 -5.73 -8.95 12.81
CA TYR A 142 -5.28 -10.05 11.93
C TYR A 142 -6.07 -11.31 12.29
N VAL A 143 -6.51 -12.05 11.28
CA VAL A 143 -7.39 -13.19 11.46
C VAL A 143 -6.61 -14.46 11.07
N GLY A 144 -6.50 -15.40 12.03
CA GLY A 144 -5.64 -16.58 11.91
C GLY A 144 -6.23 -17.92 11.41
N PRO A 145 -7.54 -18.16 11.56
CA PRO A 145 -8.00 -19.49 11.19
C PRO A 145 -7.96 -19.86 9.70
N HIS A 146 -7.72 -21.16 9.44
CA HIS A 146 -7.18 -21.60 8.15
C HIS A 146 -8.25 -21.72 7.14
N HIS A 147 -9.47 -21.99 7.59
CA HIS A 147 -10.60 -22.17 6.69
C HIS A 147 -10.93 -20.87 5.99
N LEU A 148 -10.38 -19.73 6.44
CA LEU A 148 -10.64 -18.43 5.77
C LEU A 148 -9.55 -18.11 4.75
N ARG A 149 -8.62 -19.04 4.55
CA ARG A 149 -7.52 -18.81 3.58
C ARG A 149 -7.64 -19.34 2.14
N HIS A 150 -8.81 -19.81 1.73
CA HIS A 150 -8.90 -20.60 0.50
C HIS A 150 -9.45 -19.89 -0.70
N ARG A 151 -9.66 -18.59 -0.57
CA ARG A 151 -9.85 -17.76 -1.74
C ARG A 151 -8.56 -17.66 -2.58
N ARG A 152 -8.66 -16.96 -3.69
CA ARG A 152 -7.67 -16.99 -4.73
C ARG A 152 -6.26 -16.51 -4.30
N TYR A 153 -6.20 -15.41 -3.55
CA TYR A 153 -4.94 -14.76 -3.10
C TYR A 153 -4.82 -14.58 -1.54
N PRO A 154 -3.58 -14.70 -0.99
CA PRO A 154 -3.41 -14.49 0.43
C PRO A 154 -3.39 -13.02 0.77
N PHE A 155 -3.98 -12.68 1.93
CA PHE A 155 -3.78 -11.38 2.55
C PHE A 155 -3.14 -11.55 3.94
N VAL A 156 -3.55 -10.81 4.95
CA VAL A 156 -2.94 -10.88 6.28
C VAL A 156 -3.44 -12.08 7.07
N GLN A 157 -2.50 -12.90 7.57
CA GLN A 157 -2.82 -14.14 8.34
C GLN A 157 -2.10 -14.26 9.66
N SER A 158 -1.49 -13.14 10.07
CA SER A 158 -0.61 -13.14 11.21
C SER A 158 -0.17 -11.73 11.56
N LEU A 159 0.34 -11.61 12.77
CA LEU A 159 0.91 -10.39 13.23
C LEU A 159 2.09 -9.93 12.36
N ALA A 160 2.96 -10.83 11.97
CA ALA A 160 4.12 -10.50 11.06
C ALA A 160 3.61 -9.91 9.74
N ASP A 161 2.58 -10.51 9.17
CA ASP A 161 1.94 -9.95 7.98
C ASP A 161 1.40 -8.54 8.25
N LEU A 162 0.63 -8.41 9.33
CA LEU A 162 0.06 -7.13 9.70
C LEU A 162 1.12 -6.04 9.83
N LYS A 163 2.28 -6.37 10.42
CA LYS A 163 3.33 -5.38 10.57
C LYS A 163 3.87 -4.90 9.23
N THR A 164 3.95 -5.75 8.21
CA THR A 164 4.36 -5.23 6.89
C THR A 164 3.23 -4.35 6.35
N PHE A 165 1.99 -4.64 6.68
CA PHE A 165 0.85 -3.87 6.11
C PHE A 165 0.80 -2.46 6.69
N TRP A 166 1.19 -2.30 7.97
CA TRP A 166 1.46 -0.97 8.53
C TRP A 166 2.31 -0.06 7.68
N GLU A 167 3.27 -0.58 6.99
CA GLU A 167 4.11 0.25 6.14
C GLU A 167 3.31 0.79 4.95
N ALA A 168 2.40 -0.03 4.41
CA ALA A 168 1.61 0.41 3.23
C ALA A 168 0.75 1.60 3.66
N ILE A 169 0.14 1.45 4.84
CA ILE A 169 -0.80 2.41 5.38
C ILE A 169 -0.06 3.72 5.69
N GLY A 170 1.07 3.62 6.38
CA GLY A 170 1.93 4.75 6.69
C GLY A 170 1.33 5.79 7.59
N ALA A 171 0.56 5.36 8.60
CA ALA A 171 -0.10 6.27 9.55
C ALA A 171 0.44 5.88 10.87
N PRO A 172 0.78 6.88 11.68
CA PRO A 172 1.51 6.59 12.93
C PRO A 172 0.64 5.98 14.06
N ASN A 173 -0.68 6.12 13.98
CA ASN A 173 -1.57 5.64 15.02
C ASN A 173 -2.27 4.33 14.69
N VAL A 174 -1.61 3.45 13.93
CA VAL A 174 -2.23 2.15 13.55
C VAL A 174 -1.47 1.01 14.15
N GLY A 175 -2.23 0.12 14.85
CA GLY A 175 -1.65 -1.03 15.51
C GLY A 175 -2.49 -2.28 15.35
N ALA A 176 -2.53 -3.06 16.40
CA ALA A 176 -3.16 -4.34 16.34
C ALA A 176 -4.31 -4.48 17.35
N LEU A 177 -5.35 -5.18 16.93
CA LEU A 177 -6.31 -5.77 17.88
C LEU A 177 -5.79 -7.20 17.94
N VAL A 178 -5.37 -7.65 19.11
CA VAL A 178 -4.83 -8.94 19.26
C VAL A 178 -5.85 -9.87 19.90
N ASP A 179 -6.27 -10.89 19.16
CA ASP A 179 -7.27 -11.87 19.64
C ASP A 179 -6.56 -13.21 19.95
N SER A 180 -6.81 -13.89 21.07
CA SER A 180 -6.06 -15.11 21.35
C SER A 180 -6.31 -16.11 20.28
N TYR A 181 -7.49 -16.04 19.69
CA TYR A 181 -7.94 -17.09 18.79
C TYR A 181 -7.02 -17.05 17.56
N HIS A 182 -6.59 -15.85 17.22
CA HIS A 182 -5.80 -15.63 16.00
C HIS A 182 -4.35 -15.81 16.25
N TRP A 183 -3.91 -15.45 17.47
CA TRP A 183 -2.56 -15.73 17.95
C TRP A 183 -2.36 -17.20 18.02
N TYR A 184 -3.34 -17.93 18.56
CA TYR A 184 -3.26 -19.37 18.56
C TYR A 184 -3.23 -19.97 17.18
N THR A 185 -4.23 -19.66 16.37
CA THR A 185 -4.34 -20.25 15.01
C THR A 185 -3.17 -19.86 14.08
N ALA A 186 -2.54 -18.70 14.33
CA ALA A 186 -1.36 -18.32 13.54
C ALA A 186 -0.06 -18.97 14.04
N GLY A 187 -0.16 -19.72 15.14
CA GLY A 187 1.02 -20.44 15.67
C GLY A 187 2.05 -19.48 16.25
N GLU A 188 1.62 -18.33 16.74
CA GLU A 188 2.55 -17.38 17.37
C GLU A 188 2.95 -17.73 18.84
N HIS A 189 3.95 -17.03 19.35
CA HIS A 189 4.62 -17.26 20.65
C HIS A 189 4.42 -16.04 21.51
N GLU A 190 4.39 -16.25 22.83
CA GLU A 190 4.35 -15.16 23.81
C GLU A 190 5.28 -13.98 23.40
N ASP A 191 6.50 -14.28 22.93
CA ASP A 191 7.50 -13.26 22.58
C ASP A 191 7.08 -12.41 21.36
N ASP A 192 6.24 -12.93 20.48
CA ASP A 192 5.74 -12.12 19.37
C ASP A 192 4.97 -10.89 19.88
N LEU A 193 4.25 -11.10 20.99
CA LEU A 193 3.43 -10.10 21.60
C LEU A 193 4.23 -9.25 22.55
N ALA A 194 5.16 -9.84 23.30
CA ALA A 194 6.02 -9.07 24.19
C ALA A 194 6.91 -8.02 23.48
N GLN A 195 7.23 -8.24 22.21
CA GLN A 195 8.18 -7.37 21.56
C GLN A 195 7.48 -6.24 20.87
N LEU A 196 6.13 -6.20 20.92
CA LEU A 196 5.35 -5.06 20.36
C LEU A 196 5.49 -3.79 21.17
N PRO A 197 5.66 -2.65 20.53
CA PRO A 197 5.58 -1.45 21.36
C PRO A 197 4.16 -1.30 21.92
N PRO A 198 4.03 -0.80 23.15
CA PRO A 198 2.80 -0.79 23.92
C PRO A 198 1.67 -0.15 23.16
N GLU A 199 2.00 0.91 22.43
CA GLU A 199 1.00 1.68 21.77
C GLU A 199 0.46 0.89 20.57
N LYS A 200 1.14 -0.18 20.19
CA LYS A 200 0.66 -1.03 19.08
C LYS A 200 -0.36 -2.12 19.48
N VAL A 201 -0.47 -2.37 20.79
CA VAL A 201 -1.57 -3.19 21.31
C VAL A 201 -2.75 -2.25 21.66
N VAL A 202 -3.71 -2.19 20.72
CA VAL A 202 -4.80 -1.23 20.76
C VAL A 202 -5.95 -1.83 21.59
N TYR A 203 -6.27 -3.11 21.36
CA TYR A 203 -7.38 -3.74 22.00
C TYR A 203 -7.16 -5.25 21.94
N VAL A 204 -7.78 -5.96 22.86
CA VAL A 204 -7.44 -7.35 23.07
C VAL A 204 -8.70 -8.18 23.18
N HIS A 205 -8.73 -9.32 22.49
CA HIS A 205 -9.78 -10.30 22.66
C HIS A 205 -9.18 -11.56 23.26
N ILE A 206 -9.97 -12.18 24.15
CA ILE A 206 -9.68 -13.49 24.71
C ILE A 206 -10.85 -14.53 24.49
N ASN A 207 -10.52 -15.84 24.46
CA ASN A 207 -11.44 -16.94 24.09
C ASN A 207 -10.59 -18.21 24.08
N ASP A 208 -11.18 -19.33 23.65
CA ASP A 208 -10.51 -20.64 23.69
C ASP A 208 -10.99 -21.62 22.61
N THR A 209 -10.34 -22.77 22.51
CA THR A 209 -10.70 -23.84 21.59
C THR A 209 -9.98 -25.12 21.94
N ARG A 210 -10.60 -26.28 21.65
CA ARG A 210 -9.93 -27.60 21.86
C ARG A 210 -9.35 -28.15 20.60
N ASP A 211 -9.62 -27.45 19.50
CA ASP A 211 -9.01 -27.78 18.22
C ASP A 211 -7.58 -27.31 18.08
N ALA A 212 -6.84 -28.09 17.32
CA ALA A 212 -5.56 -27.73 16.88
C ALA A 212 -5.63 -26.39 16.04
N PRO A 213 -4.53 -25.63 16.04
CA PRO A 213 -4.45 -24.41 15.25
C PRO A 213 -5.02 -24.52 13.84
N GLU A 214 -4.69 -25.61 13.13
CA GLU A 214 -5.14 -25.77 11.72
C GLU A 214 -6.64 -26.01 11.60
N ASP A 215 -7.27 -26.43 12.70
CA ASP A 215 -8.65 -26.89 12.68
C ASP A 215 -9.66 -25.86 13.20
N ALA A 216 -9.21 -25.06 14.17
CA ALA A 216 -10.09 -24.19 14.90
C ALA A 216 -10.90 -23.32 13.92
N HIS A 217 -12.22 -23.23 14.17
CA HIS A 217 -13.12 -22.42 13.33
C HIS A 217 -13.46 -21.10 13.99
N ASP A 218 -13.33 -20.05 13.19
CA ASP A 218 -13.49 -18.68 13.63
C ASP A 218 -14.79 -18.38 14.29
N GLY A 219 -15.79 -19.15 13.89
CA GLY A 219 -17.20 -18.91 14.20
C GLY A 219 -17.69 -19.83 15.29
N LYS A 220 -16.83 -20.74 15.75
CA LYS A 220 -17.18 -21.80 16.72
C LYS A 220 -16.19 -21.86 17.92
N ARG A 221 -16.21 -20.80 18.74
CA ARG A 221 -15.28 -20.59 19.83
C ARG A 221 -15.85 -20.98 21.22
N LEU A 222 -14.96 -21.06 22.19
CA LEU A 222 -15.32 -21.49 23.54
C LEU A 222 -15.01 -20.34 24.52
N LEU A 223 -15.53 -20.47 25.73
CA LEU A 223 -15.29 -19.53 26.80
C LEU A 223 -13.86 -19.59 27.21
N PRO A 224 -13.26 -18.42 27.50
CA PRO A 224 -11.88 -18.43 28.02
C PRO A 224 -11.69 -19.51 29.09
N GLY A 225 -10.69 -20.36 28.92
CA GLY A 225 -10.43 -21.43 29.85
C GLY A 225 -11.16 -22.77 29.68
N ASP A 226 -12.08 -22.92 28.73
CA ASP A 226 -12.64 -24.27 28.47
C ASP A 226 -11.83 -25.09 27.42
N GLY A 227 -10.70 -24.58 26.96
CA GLY A 227 -9.92 -25.25 25.92
C GLY A 227 -8.42 -25.37 26.16
N ARG A 228 -7.64 -25.39 25.08
CA ARG A 228 -6.18 -25.66 25.15
C ARG A 228 -5.25 -24.47 24.81
N ILE A 229 -5.78 -23.28 24.52
CA ILE A 229 -4.94 -22.10 24.14
C ILE A 229 -4.19 -21.68 25.39
N PRO A 230 -2.84 -21.44 25.31
CA PRO A 230 -2.06 -20.95 26.51
C PRO A 230 -2.32 -19.48 26.84
N LEU A 231 -3.26 -19.29 27.75
CA LEU A 231 -3.83 -17.96 27.90
C LEU A 231 -3.02 -17.14 28.87
N VAL A 232 -2.34 -17.80 29.81
CA VAL A 232 -1.44 -17.09 30.68
C VAL A 232 -0.26 -16.45 29.90
N PRO A 233 0.45 -17.21 29.04
CA PRO A 233 1.48 -16.61 28.17
C PRO A 233 0.95 -15.57 27.20
N PHE A 234 -0.27 -15.77 26.70
CA PHE A 234 -0.93 -14.72 25.90
C PHE A 234 -1.06 -13.40 26.62
N LEU A 235 -1.66 -13.42 27.79
CA LEU A 235 -1.79 -12.23 28.59
C LEU A 235 -0.42 -11.72 29.06
N ARG A 236 0.44 -12.62 29.47
CA ARG A 236 1.68 -12.18 30.05
C ARG A 236 2.39 -11.37 28.96
N GLY A 237 2.39 -11.88 27.73
CA GLY A 237 3.09 -11.23 26.65
C GLY A 237 2.53 -9.85 26.44
N LEU A 238 1.20 -9.72 26.49
CA LEU A 238 0.56 -8.47 26.24
C LEU A 238 0.96 -7.54 27.39
N TYR A 239 0.88 -8.07 28.62
CA TYR A 239 1.31 -7.33 29.79
C TYR A 239 2.76 -6.83 29.69
N LEU A 240 3.71 -7.64 29.22
CA LEU A 240 5.11 -7.17 29.13
C LEU A 240 5.30 -6.16 27.96
N ALA A 241 4.51 -6.32 26.90
CA ALA A 241 4.38 -5.25 25.92
C ALA A 241 4.08 -3.91 26.55
N GLY A 242 3.23 -3.92 27.59
CA GLY A 242 2.78 -2.71 28.26
C GLY A 242 1.30 -2.41 28.05
N TYR A 243 0.50 -3.39 27.69
CA TYR A 243 -0.94 -3.15 27.55
C TYR A 243 -1.63 -3.06 28.91
N ARG A 244 -2.47 -2.06 29.09
CA ARG A 244 -3.12 -1.78 30.38
C ARG A 244 -4.56 -1.37 30.16
N GLY A 245 -5.35 -2.19 29.48
CA GLY A 245 -6.73 -1.85 29.25
C GLY A 245 -7.61 -3.08 29.22
N PRO A 246 -8.74 -2.98 28.49
CA PRO A 246 -9.75 -4.02 28.53
C PRO A 246 -9.41 -5.23 27.71
N VAL A 247 -9.79 -6.36 28.25
CA VAL A 247 -9.68 -7.65 27.58
C VAL A 247 -11.08 -8.22 27.45
N ALA A 248 -11.56 -8.27 26.21
CA ALA A 248 -12.94 -8.72 25.95
C ALA A 248 -13.03 -10.16 25.55
N ALA A 249 -13.97 -10.88 26.15
CA ALA A 249 -14.22 -12.28 25.77
C ALA A 249 -15.16 -12.31 24.56
N GLU A 250 -14.58 -12.17 23.36
CA GLU A 250 -15.31 -12.37 22.06
C GLU A 250 -15.37 -13.87 21.78
N VAL A 251 -16.53 -14.47 22.08
CA VAL A 251 -16.72 -15.92 21.91
C VAL A 251 -17.74 -16.14 20.80
N LEU A 252 -17.33 -15.96 19.54
CA LEU A 252 -18.24 -16.11 18.44
C LEU A 252 -18.71 -17.57 18.46
N HIS A 253 -19.99 -17.81 18.18
CA HIS A 253 -20.54 -19.17 18.25
C HIS A 253 -21.73 -19.30 17.31
N GLU A 254 -21.98 -20.50 16.77
CA GLU A 254 -23.13 -20.69 15.82
C GLU A 254 -24.41 -21.16 16.52
N THR A 255 -24.20 -21.72 17.71
CA THR A 255 -25.23 -22.35 18.49
CA THR A 255 -25.22 -22.38 18.51
C THR A 255 -25.20 -21.85 19.93
N PRO A 256 -26.34 -21.88 20.64
CA PRO A 256 -26.33 -21.51 22.02
C PRO A 256 -25.12 -22.02 22.79
N LEU A 257 -24.40 -21.07 23.40
CA LEU A 257 -23.34 -21.38 24.39
C LEU A 257 -23.99 -21.97 25.68
N ASP A 258 -23.20 -22.64 26.52
CA ASP A 258 -23.72 -23.34 27.71
C ASP A 258 -24.12 -22.37 28.83
N GLY A 259 -25.28 -22.59 29.50
CA GLY A 259 -25.69 -21.80 30.70
C GLY A 259 -26.73 -20.68 30.45
N THR A 260 -26.70 -19.62 31.29
CA THR A 260 -27.45 -18.36 31.10
C THR A 260 -26.52 -17.16 30.76
N GLY A 261 -27.04 -16.06 30.23
CA GLY A 261 -26.19 -14.88 29.99
C GLY A 261 -25.44 -14.44 31.26
N GLU A 262 -26.16 -14.48 32.39
CA GLU A 262 -25.66 -13.99 33.67
C GLU A 262 -24.57 -14.89 34.22
N SER A 263 -24.81 -16.18 34.29
CA SER A 263 -23.78 -17.05 34.84
C SER A 263 -22.53 -16.97 33.95
N ARG A 264 -22.71 -16.82 32.64
CA ARG A 264 -21.53 -16.73 31.74
C ARG A 264 -20.70 -15.48 31.98
N ALA A 265 -21.38 -14.36 32.04
CA ALA A 265 -20.75 -13.10 32.31
C ALA A 265 -19.91 -13.18 33.60
N ARG A 266 -20.52 -13.62 34.71
CA ARG A 266 -19.83 -13.70 36.01
C ARG A 266 -18.66 -14.66 35.99
N LEU A 267 -18.86 -15.84 35.42
CA LEU A 267 -17.82 -16.87 35.34
C LEU A 267 -16.56 -16.44 34.59
N VAL A 268 -16.73 -15.77 33.48
CA VAL A 268 -15.57 -15.37 32.67
C VAL A 268 -14.84 -14.14 33.31
N ARG A 269 -15.58 -13.21 33.91
CA ARG A 269 -14.99 -12.13 34.72
C ARG A 269 -14.04 -12.71 35.75
N GLU A 270 -14.53 -13.68 36.54
CA GLU A 270 -13.75 -14.44 37.55
C GLU A 270 -12.61 -15.14 36.90
N ARG A 271 -12.89 -15.84 35.82
CA ARG A 271 -11.83 -16.51 35.15
C ARG A 271 -10.72 -15.57 34.64
N LEU A 272 -11.10 -14.41 34.15
CA LEU A 272 -10.11 -13.48 33.58
C LEU A 272 -9.34 -12.73 34.65
N GLU A 273 -9.98 -12.36 35.76
CA GLU A 273 -9.21 -11.72 36.83
C GLU A 273 -8.11 -12.66 37.27
N LYS A 274 -8.39 -13.97 37.31
CA LYS A 274 -7.39 -14.98 37.76
C LYS A 274 -6.34 -15.18 36.70
N LEU A 275 -6.75 -15.30 35.44
CA LEU A 275 -5.78 -15.37 34.35
C LEU A 275 -4.85 -14.15 34.35
N ILE A 276 -5.43 -12.98 34.58
CA ILE A 276 -4.68 -11.73 34.51
C ILE A 276 -3.67 -11.61 35.67
N ALA A 277 -4.01 -12.16 36.84
CA ALA A 277 -3.13 -12.08 37.98
C ALA A 277 -1.98 -13.13 37.86
N LEU A 278 -2.28 -14.31 37.29
CA LEU A 278 -1.24 -15.27 36.96
C LEU A 278 -0.23 -14.68 35.95
N ALA A 279 -0.72 -14.07 34.88
CA ALA A 279 0.16 -13.43 33.87
C ALA A 279 1.06 -12.29 34.44
N LYS A 280 0.56 -11.49 35.36
CA LYS A 280 1.37 -10.46 36.00
C LYS A 280 2.47 -11.16 36.83
N GLY A 281 2.05 -12.09 37.71
CA GLY A 281 2.93 -12.98 38.47
C GLY A 281 4.07 -12.28 39.17
N ALA B 3 7.66 21.18 -28.42
CA ALA B 3 6.72 20.86 -27.33
C ALA B 3 7.20 19.51 -26.78
N MSE B 4 6.64 18.40 -27.28
CA MSE B 4 7.29 17.12 -27.11
C MSE B 4 8.50 17.17 -28.03
O MSE B 4 8.43 17.77 -29.11
CB MSE B 4 6.35 16.01 -27.52
CG MSE B 4 5.13 15.93 -26.64
SE MSE B 4 3.99 14.43 -27.07
CE MSE B 4 2.99 14.32 -25.48
N GLU B 5 9.60 16.57 -27.62
CA GLU B 5 10.78 16.49 -28.48
C GLU B 5 11.45 15.11 -28.43
N PRO B 6 12.03 14.65 -29.56
CA PRO B 6 12.80 13.39 -29.54
C PRO B 6 14.01 13.41 -28.57
N CYS B 7 14.26 12.25 -27.95
CA CYS B 7 15.36 12.03 -26.98
C CYS B 7 16.16 10.80 -27.42
N LEU B 8 17.48 10.94 -27.45
CA LEU B 8 18.38 9.84 -27.81
C LEU B 8 18.37 8.91 -26.60
N HIS B 9 18.12 7.62 -26.86
CA HIS B 9 18.26 6.53 -25.88
C HIS B 9 19.49 5.72 -26.22
N PRO B 10 20.25 5.20 -25.23
CA PRO B 10 21.44 4.40 -25.63
C PRO B 10 21.14 3.19 -26.50
N THR B 11 20.05 2.49 -26.21
CA THR B 11 19.62 1.35 -27.03
C THR B 11 19.72 1.63 -28.54
N LEU B 12 19.52 2.88 -28.94
CA LEU B 12 19.68 3.26 -30.35
C LEU B 12 21.11 3.10 -30.89
N VAL B 13 22.14 3.46 -30.11
CA VAL B 13 23.54 3.55 -30.65
C VAL B 13 24.58 2.60 -30.08
N ASP B 14 25.52 2.22 -30.92
CA ASP B 14 26.68 1.43 -30.50
C ASP B 14 27.49 2.22 -29.45
N GLU B 15 27.56 3.54 -29.62
CA GLU B 15 28.30 4.47 -28.73
C GLU B 15 28.13 4.07 -27.24
N THR B 16 29.24 3.69 -26.59
CA THR B 16 29.27 3.36 -25.15
C THR B 16 30.22 4.30 -24.34
N SER B 17 30.70 5.39 -24.96
CA SER B 17 31.52 6.42 -24.30
C SER B 17 30.73 7.75 -24.18
N LEU B 18 30.64 8.30 -22.99
CA LEU B 18 29.78 9.46 -22.76
C LEU B 18 30.07 10.63 -23.72
N VAL B 19 31.33 11.04 -23.87
CA VAL B 19 31.66 12.10 -24.81
C VAL B 19 31.19 11.79 -26.23
N LEU B 20 31.40 10.55 -26.66
CA LEU B 20 31.15 10.20 -28.04
C LEU B 20 29.63 10.15 -28.28
N TYR B 21 28.92 9.51 -27.33
CA TYR B 21 27.45 9.55 -27.27
C TYR B 21 26.93 10.99 -27.37
N LEU B 22 27.50 11.91 -26.58
CA LEU B 22 26.99 13.26 -26.56
C LEU B 22 27.33 13.89 -27.91
N ASP B 23 28.51 13.62 -28.44
CA ASP B 23 28.84 14.17 -29.78
C ASP B 23 27.84 13.78 -30.84
N LEU B 24 27.41 12.51 -30.79
CA LEU B 24 26.45 11.95 -31.75
C LEU B 24 25.06 12.62 -31.61
N ALA B 25 24.57 12.76 -30.38
CA ALA B 25 23.30 13.45 -30.18
C ALA B 25 23.38 14.80 -30.86
N ARG B 26 24.50 15.50 -30.66
CA ARG B 26 24.68 16.85 -31.21
C ARG B 26 24.59 16.65 -32.70
N GLU B 27 25.44 15.80 -33.22
CA GLU B 27 25.58 15.76 -34.66
C GLU B 27 24.29 15.27 -35.31
N THR B 28 23.48 14.47 -34.61
CA THR B 28 22.23 13.97 -35.23
C THR B 28 20.98 14.84 -34.98
N GLY B 29 21.20 15.98 -34.29
CA GLY B 29 20.19 17.06 -34.17
C GLY B 29 19.47 17.18 -32.84
N TYR B 30 19.66 16.24 -31.94
CA TYR B 30 18.88 16.18 -30.69
C TYR B 30 19.24 17.30 -29.71
N ARG B 31 18.28 17.61 -28.86
CA ARG B 31 18.53 18.42 -27.68
C ARG B 31 18.54 17.50 -26.46
N TYR B 32 17.52 16.64 -26.38
CA TYR B 32 17.27 15.81 -25.22
C TYR B 32 17.99 14.50 -25.40
N VAL B 33 18.89 14.23 -24.45
CA VAL B 33 19.65 12.99 -24.36
C VAL B 33 19.31 12.16 -23.07
N ASP B 34 18.95 10.89 -23.23
CA ASP B 34 18.97 10.00 -22.06
C ASP B 34 20.33 9.28 -21.89
N VAL B 35 20.87 9.38 -20.68
CA VAL B 35 22.20 8.85 -20.30
C VAL B 35 22.03 7.97 -19.04
N PRO B 36 22.57 6.73 -19.06
CA PRO B 36 22.54 5.92 -17.86
C PRO B 36 23.36 6.63 -16.79
N PHE B 37 22.88 6.58 -15.55
CA PHE B 37 23.42 7.40 -14.50
C PHE B 37 24.90 7.11 -14.23
N HIS B 38 25.25 5.82 -14.33
CA HIS B 38 26.62 5.40 -14.05
C HIS B 38 27.63 6.10 -14.94
N TRP B 39 27.29 6.32 -16.22
CA TRP B 39 28.19 7.10 -17.07
C TRP B 39 28.39 8.46 -16.47
N LEU B 40 27.33 9.10 -15.93
CA LEU B 40 27.52 10.41 -15.28
C LEU B 40 28.23 10.35 -13.93
N GLU B 41 27.96 9.33 -13.12
CA GLU B 41 28.72 9.18 -11.84
C GLU B 41 30.18 9.02 -12.18
N ALA B 42 30.43 8.13 -13.14
CA ALA B 42 31.77 7.86 -13.64
C ALA B 42 32.53 9.12 -14.19
N GLU B 43 31.89 9.97 -14.99
CA GLU B 43 32.59 11.16 -15.54
C GLU B 43 32.74 12.28 -14.50
N ALA B 44 31.88 12.27 -13.50
CA ALA B 44 31.97 13.16 -12.35
C ALA B 44 33.04 12.71 -11.35
N GLU B 45 33.59 11.52 -11.55
CA GLU B 45 34.67 11.00 -10.70
C GLU B 45 36.03 11.43 -11.24
N ARG B 46 36.28 11.16 -12.52
CA ARG B 46 37.54 11.54 -13.18
C ARG B 46 37.71 13.05 -13.26
N HIS B 47 36.67 13.72 -13.78
CA HIS B 47 36.72 15.15 -14.13
C HIS B 47 36.16 16.09 -13.08
N GLY B 48 34.97 15.79 -12.56
CA GLY B 48 34.33 16.63 -11.52
C GLY B 48 32.97 17.20 -11.95
N ASP B 49 32.21 17.71 -10.99
CA ASP B 49 30.88 18.21 -11.26
C ASP B 49 30.85 19.30 -12.30
N ALA B 50 31.68 20.32 -12.15
CA ALA B 50 31.77 21.41 -13.15
C ALA B 50 31.91 20.93 -14.64
N ALA B 51 32.71 19.89 -14.85
CA ALA B 51 33.03 19.38 -16.19
C ALA B 51 31.89 18.64 -16.89
N VAL B 52 31.15 17.82 -16.14
CA VAL B 52 30.01 17.12 -16.72
C VAL B 52 28.97 18.16 -17.15
N GLU B 53 28.71 19.20 -16.33
CA GLU B 53 27.85 20.33 -16.75
C GLU B 53 28.43 20.99 -18.01
N ALA B 54 29.71 21.37 -17.97
CA ALA B 54 30.39 21.93 -19.17
C ALA B 54 30.13 21.14 -20.49
N MSE B 55 30.50 19.86 -20.47
CA MSE B 55 30.18 18.90 -21.53
C MSE B 55 28.79 19.12 -22.20
O MSE B 55 28.71 19.30 -23.42
CB MSE B 55 30.26 17.47 -20.92
CG MSE B 55 31.09 16.42 -21.63
SE MSE B 55 31.39 14.76 -20.58
CE MSE B 55 33.03 15.25 -19.58
N PHE B 56 27.71 19.14 -21.40
CA PHE B 56 26.31 19.25 -21.92
C PHE B 56 26.02 20.57 -22.54
N GLN B 57 26.28 21.62 -21.77
CA GLN B 57 25.90 22.96 -22.15
C GLN B 57 26.65 23.36 -23.41
N ARG B 58 27.94 23.05 -23.50
CA ARG B 58 28.70 23.29 -24.73
C ARG B 58 28.02 22.72 -25.96
N ARG B 59 27.32 21.60 -25.78
CA ARG B 59 26.73 20.89 -26.92
C ARG B 59 25.23 21.17 -27.12
N GLY B 60 24.69 22.13 -26.36
CA GLY B 60 23.26 22.45 -26.38
C GLY B 60 22.40 21.31 -25.83
N LEU B 61 22.94 20.47 -24.94
CA LEU B 61 22.22 19.26 -24.48
C LEU B 61 21.60 19.38 -23.07
N VAL B 62 20.49 18.67 -22.89
CA VAL B 62 19.70 18.62 -21.65
C VAL B 62 19.43 17.15 -21.27
N LEU B 63 19.84 16.74 -20.09
CA LEU B 63 19.52 15.40 -19.58
C LEU B 63 18.00 15.20 -19.44
N ALA B 64 17.47 14.19 -20.11
CA ALA B 64 16.04 13.89 -20.07
C ALA B 64 15.55 13.42 -18.68
N ASN B 65 16.37 12.66 -17.95
CA ASN B 65 15.86 11.81 -16.87
C ASN B 65 16.97 11.29 -15.94
N LEU B 66 16.59 10.75 -14.80
CA LEU B 66 17.53 9.95 -14.03
C LEU B 66 16.89 8.60 -13.68
N GLY B 67 17.42 7.54 -14.27
CA GLY B 67 17.14 6.20 -13.81
C GLY B 67 17.47 6.09 -12.34
N LEU B 68 16.47 5.75 -11.52
CA LEU B 68 16.57 5.71 -10.04
C LEU B 68 17.80 4.91 -9.69
N PRO B 69 18.84 5.55 -9.15
CA PRO B 69 20.09 4.84 -8.83
C PRO B 69 20.07 4.19 -7.43
N LEU B 70 19.23 3.18 -7.28
CA LEU B 70 19.22 2.30 -6.14
C LEU B 70 18.32 1.13 -6.49
N ASN B 71 18.33 0.15 -5.61
CA ASN B 71 17.55 -1.06 -5.78
C ASN B 71 16.44 -1.12 -4.71
N LEU B 72 15.23 -0.94 -5.22
CA LEU B 72 14.01 -0.95 -4.39
C LEU B 72 13.64 -2.29 -3.69
N TYR B 73 14.27 -3.39 -4.14
CA TYR B 73 14.08 -4.73 -3.57
C TYR B 73 15.23 -5.20 -2.69
N ASP B 74 16.20 -4.34 -2.41
CA ASP B 74 17.35 -4.75 -1.61
C ASP B 74 17.01 -4.93 -0.11
N SER B 75 18.02 -5.38 0.66
CA SER B 75 17.92 -5.42 2.13
C SER B 75 17.66 -4.02 2.69
N GLU B 76 17.04 -3.90 3.87
CA GLU B 76 16.73 -2.56 4.42
C GLU B 76 17.96 -1.67 4.64
N PRO B 77 19.02 -2.16 5.31
CA PRO B 77 20.19 -1.31 5.52
C PRO B 77 20.85 -0.82 4.22
N VAL B 78 20.97 -1.69 3.23
CA VAL B 78 21.51 -1.28 1.94
C VAL B 78 20.57 -0.32 1.21
N PHE B 79 19.26 -0.56 1.27
CA PHE B 79 18.33 0.39 0.64
C PHE B 79 18.44 1.80 1.29
N LEU B 80 18.34 1.88 2.62
CA LEU B 80 18.53 3.13 3.33
C LEU B 80 19.84 3.89 2.97
N ARG B 81 20.95 3.19 2.78
CA ARG B 81 22.21 3.86 2.46
C ARG B 81 22.12 4.55 1.12
N GLU B 82 21.55 3.83 0.15
CA GLU B 82 21.47 4.31 -1.23
C GLU B 82 20.45 5.46 -1.33
N LEU B 83 19.41 5.32 -0.49
CA LEU B 83 18.42 6.39 -0.29
C LEU B 83 19.11 7.62 0.22
N SER B 84 20.00 7.47 1.21
CA SER B 84 20.67 8.62 1.77
C SER B 84 21.57 9.28 0.71
N LEU B 85 22.06 8.50 -0.23
CA LEU B 85 22.93 9.04 -1.27
C LEU B 85 22.10 9.69 -2.35
N LEU B 86 20.81 9.37 -2.41
CA LEU B 86 19.99 9.81 -3.58
C LEU B 86 19.90 11.36 -3.80
N PRO B 87 19.78 12.14 -2.71
CA PRO B 87 19.60 13.58 -2.90
C PRO B 87 20.77 14.26 -3.63
N ASP B 88 22.02 13.92 -3.32
CA ASP B 88 23.12 14.57 -4.06
C ASP B 88 23.18 14.18 -5.52
N ARG B 89 22.76 12.96 -5.82
CA ARG B 89 22.77 12.45 -7.18
C ARG B 89 21.65 13.05 -8.01
N ALA B 90 20.51 13.18 -7.38
CA ALA B 90 19.41 13.91 -7.96
C ALA B 90 19.76 15.40 -8.16
N ARG B 91 20.51 16.01 -7.25
CA ARG B 91 20.86 17.44 -7.47
C ARG B 91 21.75 17.60 -8.70
N LEU B 92 22.79 16.77 -8.81
CA LEU B 92 23.67 16.78 -9.99
C LEU B 92 22.89 16.59 -11.30
N CYS B 93 21.86 15.76 -11.27
CA CYS B 93 21.01 15.58 -12.44
C CYS B 93 20.06 16.76 -12.66
N ALA B 94 19.52 17.37 -11.61
CA ALA B 94 18.75 18.64 -11.76
C ALA B 94 19.56 19.69 -12.55
N ARG B 95 20.83 19.85 -12.22
CA ARG B 95 21.67 20.86 -12.89
C ARG B 95 21.85 20.59 -14.36
N LEU B 96 21.79 19.33 -14.74
CA LEU B 96 21.92 18.94 -16.12
C LEU B 96 20.56 18.97 -16.82
N GLY B 97 19.50 19.37 -16.12
CA GLY B 97 18.17 19.44 -16.73
C GLY B 97 17.21 18.29 -16.47
N ALA B 98 17.60 17.27 -15.74
CA ALA B 98 16.65 16.18 -15.39
C ALA B 98 15.62 16.72 -14.42
N ARG B 99 14.32 16.53 -14.70
CA ARG B 99 13.19 16.92 -13.81
CA ARG B 99 13.28 16.90 -13.72
C ARG B 99 12.54 15.67 -13.19
N SER B 100 12.96 14.51 -13.69
CA SER B 100 12.30 13.23 -13.41
C SER B 100 13.30 12.18 -12.94
N VAL B 101 12.77 11.23 -12.15
CA VAL B 101 13.46 10.07 -11.68
C VAL B 101 12.52 8.87 -11.89
N THR B 102 13.01 7.75 -12.45
CA THR B 102 12.12 6.66 -12.91
C THR B 102 12.53 5.28 -12.44
N ALA B 103 11.56 4.39 -12.41
CA ALA B 103 11.74 3.01 -12.01
C ALA B 103 10.64 2.18 -12.68
N PHE B 104 10.96 0.93 -12.98
CA PHE B 104 9.94 0.06 -13.45
C PHE B 104 9.52 -0.91 -12.39
N LEU B 105 8.29 -1.35 -12.55
CA LEU B 105 7.69 -2.36 -11.66
C LEU B 105 7.56 -3.74 -12.34
N TRP B 106 7.78 -4.80 -11.55
CA TRP B 106 7.67 -6.19 -12.04
C TRP B 106 6.21 -6.59 -12.16
N PRO B 107 5.82 -7.16 -13.32
CA PRO B 107 4.40 -7.49 -13.44
C PRO B 107 4.02 -8.73 -12.67
N SER B 108 4.98 -9.52 -12.23
CA SER B 108 4.66 -10.58 -11.29
C SER B 108 5.83 -10.87 -10.37
N MSE B 109 5.52 -11.54 -9.26
CA MSE B 109 6.48 -11.87 -8.23
C MSE B 109 6.13 -13.13 -7.40
O MSE B 109 4.95 -13.47 -7.20
CB MSE B 109 6.66 -10.67 -7.29
CG MSE B 109 5.61 -10.58 -6.18
SE MSE B 109 3.87 -9.91 -6.85
CE MSE B 109 2.93 -9.97 -5.12
N ASP B 110 7.17 -13.77 -6.86
CA ASP B 110 6.99 -14.94 -6.00
C ASP B 110 6.78 -14.60 -4.53
N GLU B 111 7.22 -13.40 -4.12
CA GLU B 111 7.09 -12.97 -2.74
C GLU B 111 5.60 -12.80 -2.39
N GLU B 112 5.26 -13.01 -1.14
CA GLU B 112 3.91 -12.82 -0.71
C GLU B 112 3.45 -11.33 -0.90
N PRO B 113 2.28 -11.14 -1.48
CA PRO B 113 1.72 -9.83 -1.92
C PRO B 113 1.67 -8.77 -0.88
N VAL B 114 1.16 -9.15 0.31
CA VAL B 114 1.17 -8.23 1.40
C VAL B 114 2.59 -7.78 1.77
N ARG B 115 3.53 -8.70 1.94
CA ARG B 115 4.90 -8.29 2.26
C ARG B 115 5.50 -7.48 1.14
N TYR B 116 5.28 -7.89 -0.11
CA TYR B 116 5.96 -7.23 -1.26
C TYR B 116 5.40 -5.84 -1.60
N ILE B 117 4.08 -5.77 -1.68
CA ILE B 117 3.39 -4.56 -2.02
C ILE B 117 3.57 -3.52 -0.95
N SER B 118 3.40 -3.85 0.33
CA SER B 118 3.54 -2.90 1.38
C SER B 118 4.93 -2.31 1.45
N GLN B 119 5.95 -3.17 1.47
CA GLN B 119 7.26 -2.65 1.60
C GLN B 119 7.64 -1.80 0.41
N LEU B 120 7.25 -2.25 -0.78
CA LEU B 120 7.63 -1.47 -2.00
C LEU B 120 6.88 -0.14 -2.07
N ALA B 121 5.64 -0.07 -1.58
CA ALA B 121 4.90 1.19 -1.53
C ALA B 121 5.59 2.17 -0.61
N ARG B 122 5.97 1.70 0.57
CA ARG B 122 6.65 2.50 1.59
C ARG B 122 8.03 2.97 1.12
N ARG B 123 8.75 2.15 0.37
CA ARG B 123 10.04 2.54 -0.11
C ARG B 123 9.98 3.57 -1.24
N ILE B 124 9.06 3.38 -2.19
CA ILE B 124 8.84 4.42 -3.23
C ILE B 124 8.37 5.74 -2.59
N ARG B 125 7.52 5.62 -1.58
CA ARG B 125 7.11 6.79 -0.83
C ARG B 125 8.35 7.50 -0.28
N GLN B 126 9.32 6.76 0.29
CA GLN B 126 10.51 7.39 0.87
C GLN B 126 11.37 8.05 -0.20
N VAL B 127 11.46 7.42 -1.38
CA VAL B 127 12.22 8.02 -2.50
C VAL B 127 11.54 9.32 -2.91
N ALA B 128 10.21 9.29 -3.02
CA ALA B 128 9.46 10.47 -3.42
C ALA B 128 9.61 11.67 -2.46
N VAL B 129 9.48 11.42 -1.15
CA VAL B 129 9.71 12.43 -0.15
C VAL B 129 11.08 13.07 -0.25
N GLU B 130 12.09 12.35 -0.69
CA GLU B 130 13.44 12.91 -0.73
C GLU B 130 13.59 13.85 -1.93
N LEU B 131 12.72 13.67 -2.92
CA LEU B 131 12.77 14.41 -4.18
C LEU B 131 11.88 15.66 -4.13
N LEU B 132 11.02 15.79 -3.10
CA LEU B 132 10.08 16.97 -2.97
C LEU B 132 10.81 18.33 -2.84
N PRO B 133 11.93 18.39 -2.07
CA PRO B 133 12.60 19.69 -2.01
C PRO B 133 13.24 20.11 -3.32
N LEU B 134 13.38 19.19 -4.28
CA LEU B 134 14.10 19.47 -5.51
C LEU B 134 13.18 19.75 -6.71
N GLY B 135 11.86 19.65 -6.52
CA GLY B 135 10.90 19.92 -7.59
C GLY B 135 10.94 18.86 -8.65
N MSE B 136 11.12 17.62 -8.20
CA MSE B 136 11.28 16.45 -9.06
C MSE B 136 10.23 15.38 -8.76
O MSE B 136 9.74 15.22 -7.59
CB MSE B 136 12.66 15.85 -8.87
CG MSE B 136 13.75 16.71 -9.52
SE MSE B 136 15.52 16.01 -9.17
CE MSE B 136 15.81 15.09 -10.85
N ARG B 137 9.91 14.66 -9.84
CA ARG B 137 8.88 13.63 -9.78
C ARG B 137 9.40 12.24 -10.06
N VAL B 138 8.67 11.24 -9.52
CA VAL B 138 8.90 9.80 -9.78
C VAL B 138 7.95 9.31 -10.87
N GLY B 139 8.52 8.82 -11.96
CA GLY B 139 7.76 8.21 -13.03
C GLY B 139 7.95 6.71 -12.92
N LEU B 140 6.87 6.01 -12.67
CA LEU B 140 6.98 4.59 -12.45
C LEU B 140 6.59 3.95 -13.77
N GLU B 141 7.40 3.03 -14.29
CA GLU B 141 7.08 2.35 -15.56
C GLU B 141 6.26 1.08 -15.39
N TYR B 142 4.99 1.08 -15.81
CA TYR B 142 4.21 -0.19 -15.83
C TYR B 142 4.63 -1.01 -17.05
N VAL B 143 4.79 -2.31 -16.84
CA VAL B 143 5.26 -3.25 -17.86
C VAL B 143 4.11 -4.16 -18.24
N GLY B 144 3.84 -4.24 -19.55
CA GLY B 144 2.70 -4.99 -20.11
C GLY B 144 2.89 -6.38 -20.74
N PRO B 145 4.09 -6.71 -21.25
CA PRO B 145 4.18 -7.98 -21.99
C PRO B 145 3.86 -9.28 -21.23
N HIS B 146 3.25 -10.21 -21.97
CA HIS B 146 2.49 -11.29 -21.36
C HIS B 146 3.40 -12.36 -20.81
N HIS B 147 4.56 -12.52 -21.47
CA HIS B 147 5.57 -13.46 -21.02
C HIS B 147 6.12 -13.13 -19.64
N LEU B 148 6.00 -11.86 -19.19
CA LEU B 148 6.53 -11.44 -17.87
C LEU B 148 5.59 -11.72 -16.67
N ARG B 149 4.43 -12.28 -16.97
CA ARG B 149 3.33 -12.37 -16.04
C ARG B 149 3.17 -13.73 -15.35
N HIS B 150 4.18 -14.59 -15.46
CA HIS B 150 4.03 -16.00 -15.05
C HIS B 150 4.81 -16.38 -13.80
N ARG B 151 5.19 -15.39 -12.98
CA ARG B 151 5.57 -15.66 -11.59
C ARG B 151 4.31 -15.92 -10.71
N ARG B 152 4.55 -16.34 -9.46
CA ARG B 152 3.48 -16.86 -8.62
C ARG B 152 2.29 -15.92 -8.40
N TYR B 153 2.54 -14.64 -8.18
CA TYR B 153 1.46 -13.70 -7.94
C TYR B 153 1.54 -12.56 -8.93
N PRO B 154 0.38 -12.04 -9.28
CA PRO B 154 0.33 -10.90 -10.16
C PRO B 154 0.68 -9.57 -9.47
N PHE B 155 1.39 -8.71 -10.19
CA PHE B 155 1.54 -7.30 -9.76
C PHE B 155 1.00 -6.30 -10.82
N VAL B 156 1.73 -5.20 -11.11
CA VAL B 156 1.26 -4.15 -12.02
C VAL B 156 1.48 -4.51 -13.48
N GLN B 157 0.41 -4.41 -14.27
CA GLN B 157 0.45 -4.77 -15.68
C GLN B 157 -0.20 -3.76 -16.59
N SER B 158 -0.69 -2.67 -16.04
CA SER B 158 -1.48 -1.74 -16.80
C SER B 158 -1.45 -0.45 -16.12
N LEU B 159 -1.82 0.60 -16.85
CA LEU B 159 -1.97 1.92 -16.23
C LEU B 159 -3.03 1.89 -15.16
N ALA B 160 -4.13 1.22 -15.45
CA ALA B 160 -5.21 1.14 -14.49
C ALA B 160 -4.66 0.61 -13.14
N ASP B 161 -3.84 -0.44 -13.20
CA ASP B 161 -3.18 -1.02 -12.02
C ASP B 161 -2.21 -0.03 -11.36
N LEU B 162 -1.39 0.63 -12.18
CA LEU B 162 -0.42 1.52 -11.66
C LEU B 162 -1.18 2.58 -10.85
N LYS B 163 -2.32 3.07 -11.40
CA LYS B 163 -3.10 4.14 -10.78
C LYS B 163 -3.54 3.78 -9.37
N THR B 164 -3.97 2.53 -9.17
CA THR B 164 -4.36 2.06 -7.84
C THR B 164 -3.10 1.93 -6.96
N PHE B 165 -1.98 1.51 -7.55
CA PHE B 165 -0.73 1.45 -6.77
C PHE B 165 -0.32 2.85 -6.21
N TRP B 166 -0.59 3.92 -6.95
CA TRP B 166 -0.30 5.26 -6.42
C TRP B 166 -1.01 5.53 -5.13
N GLU B 167 -2.15 4.86 -4.88
CA GLU B 167 -2.89 5.07 -3.65
C GLU B 167 -2.11 4.48 -2.45
N ALA B 168 -1.58 3.27 -2.57
CA ALA B 168 -0.65 2.70 -1.57
C ALA B 168 0.55 3.63 -1.21
N ILE B 169 1.19 4.12 -2.27
CA ILE B 169 2.36 4.95 -2.13
C ILE B 169 2.02 6.22 -1.39
N GLY B 170 0.96 6.92 -1.84
CA GLY B 170 0.38 8.04 -1.16
C GLY B 170 1.33 9.21 -1.15
N ALA B 171 1.99 9.49 -2.27
CA ALA B 171 2.93 10.58 -2.38
C ALA B 171 2.51 11.49 -3.55
N PRO B 172 2.57 12.82 -3.35
CA PRO B 172 1.95 13.70 -4.33
C PRO B 172 2.72 13.76 -5.65
N ASN B 173 4.02 13.38 -5.65
CA ASN B 173 4.86 13.61 -6.82
C ASN B 173 5.15 12.33 -7.58
N VAL B 174 4.25 11.33 -7.54
CA VAL B 174 4.50 10.06 -8.21
C VAL B 174 3.55 9.86 -9.38
N GLY B 175 4.16 9.54 -10.54
CA GLY B 175 3.47 9.48 -11.82
C GLY B 175 3.89 8.22 -12.56
N ALA B 176 3.70 8.26 -13.88
CA ALA B 176 3.97 7.16 -14.77
C ALA B 176 5.12 7.48 -15.71
N LEU B 177 5.93 6.46 -15.96
CA LEU B 177 6.70 6.36 -17.18
C LEU B 177 5.87 5.57 -18.20
N VAL B 178 5.31 6.23 -19.21
CA VAL B 178 4.47 5.58 -20.23
C VAL B 178 5.33 5.14 -21.40
N ASP B 179 5.31 3.83 -21.65
CA ASP B 179 6.02 3.22 -22.77
C ASP B 179 4.97 2.76 -23.79
N SER B 180 5.18 3.08 -25.07
CA SER B 180 4.31 2.58 -26.14
C SER B 180 4.26 1.04 -26.14
N TYR B 181 5.37 0.37 -25.79
CA TYR B 181 5.41 -1.09 -25.82
C TYR B 181 4.40 -1.59 -24.79
N HIS B 182 4.32 -0.90 -23.64
CA HIS B 182 3.45 -1.37 -22.54
C HIS B 182 2.03 -0.98 -22.75
N TRP B 183 1.83 0.21 -23.32
CA TRP B 183 0.47 0.70 -23.62
C TRP B 183 -0.21 -0.22 -24.61
N TYR B 184 0.55 -0.72 -25.58
CA TYR B 184 0.03 -1.58 -26.65
C TYR B 184 -0.25 -3.00 -26.14
N THR B 185 0.72 -3.57 -25.43
CA THR B 185 0.63 -4.93 -24.89
C THR B 185 -0.38 -5.03 -23.72
N ALA B 186 -0.69 -3.88 -23.09
CA ALA B 186 -1.82 -3.81 -22.16
C ALA B 186 -3.17 -3.57 -22.88
N GLY B 187 -3.17 -3.44 -24.21
CA GLY B 187 -4.40 -3.27 -24.95
C GLY B 187 -5.13 -2.00 -24.56
N GLU B 188 -4.36 -0.96 -24.23
CA GLU B 188 -4.95 0.31 -23.82
C GLU B 188 -5.38 1.13 -25.03
N HIS B 189 -6.07 2.23 -24.73
CA HIS B 189 -6.74 3.11 -25.70
C HIS B 189 -6.13 4.49 -25.54
N GLU B 190 -6.20 5.29 -26.59
CA GLU B 190 -5.68 6.65 -26.58
C GLU B 190 -6.19 7.52 -25.41
N ASP B 191 -7.47 7.37 -25.04
CA ASP B 191 -8.10 8.20 -24.00
C ASP B 191 -7.63 7.82 -22.57
N ASP B 192 -7.20 6.57 -22.41
CA ASP B 192 -6.59 6.18 -21.13
C ASP B 192 -5.43 7.10 -20.81
N LEU B 193 -4.65 7.44 -21.83
CA LEU B 193 -3.57 8.41 -21.70
C LEU B 193 -4.08 9.85 -21.57
N ALA B 194 -4.99 10.23 -22.46
CA ALA B 194 -5.51 11.60 -22.50
C ALA B 194 -6.03 12.11 -21.15
N GLN B 195 -6.70 11.22 -20.40
CA GLN B 195 -7.40 11.60 -19.19
C GLN B 195 -6.52 11.63 -17.91
N LEU B 196 -5.21 11.54 -18.09
CA LEU B 196 -4.24 11.75 -17.02
C LEU B 196 -3.93 13.25 -16.86
N PRO B 197 -3.78 13.70 -15.59
CA PRO B 197 -3.26 15.05 -15.36
C PRO B 197 -1.85 15.07 -15.89
N PRO B 198 -1.40 16.20 -16.44
CA PRO B 198 -0.12 16.29 -17.16
C PRO B 198 1.11 15.99 -16.32
N GLU B 199 0.98 16.20 -15.02
CA GLU B 199 2.10 16.03 -14.12
C GLU B 199 2.26 14.55 -13.73
N LYS B 200 1.23 13.74 -13.97
CA LYS B 200 1.33 12.30 -13.86
C LYS B 200 2.08 11.66 -15.05
N VAL B 201 2.21 12.36 -16.19
CA VAL B 201 3.08 11.89 -17.25
C VAL B 201 4.50 12.42 -17.01
N VAL B 202 5.32 11.57 -16.39
CA VAL B 202 6.65 11.97 -15.92
C VAL B 202 7.65 11.90 -17.11
N TYR B 203 7.63 10.77 -17.83
CA TYR B 203 8.57 10.48 -18.95
C TYR B 203 7.94 9.51 -19.93
N VAL B 204 8.44 9.52 -21.16
CA VAL B 204 7.82 8.76 -22.22
C VAL B 204 8.85 8.03 -23.04
N HIS B 205 8.58 6.74 -23.29
CA HIS B 205 9.34 5.88 -24.19
C HIS B 205 8.49 5.53 -25.36
N ILE B 206 9.13 5.33 -26.51
CA ILE B 206 8.42 5.05 -27.76
C ILE B 206 9.24 4.00 -28.49
N ASN B 207 8.57 3.10 -29.22
CA ASN B 207 9.19 1.94 -29.89
C ASN B 207 8.11 1.17 -30.68
N ASP B 208 8.46 0.08 -31.37
CA ASP B 208 7.45 -0.66 -32.14
C ASP B 208 7.58 -2.18 -32.03
N THR B 209 6.67 -2.90 -32.69
CA THR B 209 6.65 -4.38 -32.80
C THR B 209 5.63 -4.81 -33.91
N ARG B 210 5.83 -5.96 -34.55
CA ARG B 210 4.84 -6.48 -35.51
C ARG B 210 3.99 -7.54 -34.82
N ASP B 211 4.40 -7.91 -33.61
CA ASP B 211 3.70 -8.92 -32.82
C ASP B 211 2.34 -8.38 -32.42
N ALA B 212 1.42 -9.30 -32.15
CA ALA B 212 0.10 -9.00 -31.61
C ALA B 212 0.31 -8.48 -30.20
N PRO B 213 -0.75 -7.97 -29.55
CA PRO B 213 -0.56 -7.49 -28.16
C PRO B 213 -0.11 -8.60 -27.17
N GLU B 214 -0.63 -9.80 -27.39
CA GLU B 214 -0.41 -10.99 -26.55
C GLU B 214 0.95 -11.71 -26.79
N ASP B 215 1.57 -11.42 -27.94
CA ASP B 215 2.83 -12.07 -28.39
C ASP B 215 4.09 -11.24 -28.09
N ALA B 216 4.02 -9.93 -28.33
CA ALA B 216 5.18 -9.04 -28.27
C ALA B 216 6.10 -9.24 -27.03
N HIS B 217 7.41 -9.43 -27.28
CA HIS B 217 8.45 -9.73 -26.25
C HIS B 217 9.29 -8.53 -25.78
N ASP B 218 9.52 -8.47 -24.46
CA ASP B 218 10.06 -7.28 -23.75
C ASP B 218 11.43 -6.86 -24.24
N GLY B 219 12.29 -7.87 -24.49
CA GLY B 219 13.64 -7.62 -24.94
C GLY B 219 13.81 -7.63 -26.45
N LYS B 220 12.70 -7.64 -27.20
CA LYS B 220 12.80 -7.85 -28.67
C LYS B 220 11.96 -6.80 -29.42
N ARG B 221 12.26 -5.53 -29.19
CA ARG B 221 11.46 -4.45 -29.73
C ARG B 221 12.06 -3.95 -31.06
N LEU B 222 11.36 -3.01 -31.70
CA LEU B 222 11.81 -2.43 -32.98
C LEU B 222 11.82 -0.92 -32.86
N LEU B 223 12.44 -0.29 -33.87
CA LEU B 223 12.39 1.17 -34.03
C LEU B 223 10.95 1.60 -34.36
N PRO B 224 10.52 2.78 -33.87
CA PRO B 224 9.16 3.26 -34.11
C PRO B 224 8.92 3.71 -35.55
N GLY B 225 7.80 3.29 -36.11
CA GLY B 225 7.55 3.38 -37.55
C GLY B 225 7.98 2.14 -38.33
N ASP B 226 8.30 1.04 -37.63
CA ASP B 226 8.62 -0.25 -38.26
C ASP B 226 7.60 -1.38 -37.88
N GLY B 227 6.49 -1.02 -37.21
CA GLY B 227 5.55 -2.00 -36.67
C GLY B 227 4.08 -1.60 -36.71
N ARG B 228 3.28 -2.27 -35.85
CA ARG B 228 1.81 -2.26 -35.90
CA ARG B 228 1.82 -2.22 -35.92
C ARG B 228 1.15 -1.37 -34.82
N ILE B 229 1.93 -0.74 -33.94
CA ILE B 229 1.32 0.03 -32.83
C ILE B 229 0.82 1.40 -33.34
N PRO B 230 -0.44 1.81 -33.00
CA PRO B 230 -0.81 3.18 -33.37
C PRO B 230 -0.04 4.25 -32.55
N LEU B 231 1.04 4.77 -33.13
CA LEU B 231 1.93 5.69 -32.39
C LEU B 231 1.43 7.13 -32.41
N VAL B 232 0.69 7.49 -33.47
CA VAL B 232 0.11 8.82 -33.54
C VAL B 232 -0.96 9.03 -32.47
N PRO B 233 -1.89 8.07 -32.30
CA PRO B 233 -2.80 8.13 -31.14
C PRO B 233 -2.07 8.09 -29.79
N PHE B 234 -0.90 7.46 -29.78
CA PHE B 234 -0.08 7.38 -28.57
C PHE B 234 0.35 8.77 -28.16
N LEU B 235 0.92 9.53 -29.09
CA LEU B 235 1.44 10.85 -28.76
C LEU B 235 0.33 11.91 -28.65
N ARG B 236 -0.79 11.71 -29.35
CA ARG B 236 -1.96 12.63 -29.24
C ARG B 236 -2.63 12.52 -27.85
N GLY B 237 -2.64 11.32 -27.28
CA GLY B 237 -3.17 11.12 -25.93
C GLY B 237 -2.28 11.73 -24.87
N LEU B 238 -0.96 11.60 -25.06
CA LEU B 238 0.00 12.24 -24.21
C LEU B 238 -0.10 13.75 -24.40
N TYR B 239 -0.12 14.21 -25.64
CA TYR B 239 -0.18 15.64 -25.94
C TYR B 239 -1.38 16.28 -25.26
N LEU B 240 -2.56 15.71 -25.47
CA LEU B 240 -3.81 16.24 -24.91
C LEU B 240 -3.84 16.10 -23.37
N ALA B 241 -3.14 15.13 -22.83
CA ALA B 241 -2.93 15.06 -21.37
C ALA B 241 -2.13 16.29 -20.91
N GLY B 242 -1.37 16.90 -21.82
CA GLY B 242 -0.51 18.05 -21.52
C GLY B 242 0.99 17.77 -21.35
N TYR B 243 1.47 16.56 -21.64
CA TYR B 243 2.92 16.27 -21.57
C TYR B 243 3.72 17.13 -22.56
N ARG B 244 4.84 17.67 -22.11
CA ARG B 244 5.65 18.55 -22.96
C ARG B 244 7.14 18.24 -23.10
N GLY B 245 7.67 17.28 -22.39
CA GLY B 245 9.11 17.11 -22.48
C GLY B 245 9.62 16.15 -23.56
N PRO B 246 10.69 15.40 -23.23
CA PRO B 246 11.33 14.43 -24.12
C PRO B 246 10.52 13.15 -24.25
N VAL B 247 10.56 12.60 -25.45
CA VAL B 247 9.98 11.31 -25.82
C VAL B 247 11.17 10.45 -26.29
N ALA B 248 11.62 9.47 -25.48
CA ALA B 248 12.82 8.61 -25.80
C ALA B 248 12.51 7.26 -26.50
N ALA B 249 13.30 6.95 -27.51
CA ALA B 249 13.17 5.68 -28.23
C ALA B 249 13.90 4.51 -27.50
N GLU B 250 13.27 3.89 -26.49
CA GLU B 250 13.90 2.73 -25.81
C GLU B 250 13.55 1.46 -26.59
N VAL B 251 14.50 1.01 -27.40
CA VAL B 251 14.37 -0.21 -28.21
C VAL B 251 15.33 -1.29 -27.67
N LEU B 252 14.96 -1.96 -26.57
CA LEU B 252 15.77 -3.06 -26.04
C LEU B 252 15.83 -4.20 -27.06
N HIS B 253 17.00 -4.82 -27.15
CA HIS B 253 17.18 -5.82 -28.17
C HIS B 253 18.29 -6.76 -27.78
N GLU B 254 18.10 -8.03 -28.12
CA GLU B 254 19.06 -9.07 -27.83
C GLU B 254 20.01 -9.17 -29.02
N THR B 255 19.54 -8.76 -30.20
CA THR B 255 20.33 -8.85 -31.42
C THR B 255 20.38 -7.52 -32.17
N PRO B 256 21.53 -7.25 -32.82
CA PRO B 256 21.81 -5.94 -33.40
C PRO B 256 20.71 -5.42 -34.34
N LEU B 257 20.36 -4.15 -34.17
CA LEU B 257 19.49 -3.42 -35.09
C LEU B 257 20.32 -3.07 -36.34
N ASP B 258 19.83 -3.36 -37.54
CA ASP B 258 20.68 -3.15 -38.70
C ASP B 258 20.79 -1.66 -39.01
N GLY B 259 21.67 -1.32 -39.94
CA GLY B 259 22.14 0.05 -40.12
C GLY B 259 23.17 0.38 -39.05
N THR B 260 23.69 1.60 -39.09
CA THR B 260 24.68 2.04 -38.11
C THR B 260 23.96 2.72 -36.96
N GLY B 261 24.70 3.09 -35.93
CA GLY B 261 24.14 3.91 -34.85
C GLY B 261 23.76 5.32 -35.30
N GLU B 262 24.60 5.92 -36.15
CA GLU B 262 24.42 7.29 -36.65
C GLU B 262 23.17 7.38 -37.52
N SER B 263 22.86 6.31 -38.25
CA SER B 263 21.66 6.26 -39.13
C SER B 263 20.36 6.12 -38.32
N ARG B 264 20.30 5.11 -37.46
CA ARG B 264 19.11 4.91 -36.63
C ARG B 264 18.82 6.21 -35.86
N ALA B 265 19.84 6.72 -35.17
CA ALA B 265 19.75 7.95 -34.37
C ALA B 265 19.20 9.15 -35.16
N ARG B 266 19.83 9.45 -36.28
CA ARG B 266 19.36 10.55 -37.12
C ARG B 266 17.95 10.26 -37.65
N LEU B 267 17.70 9.02 -38.10
CA LEU B 267 16.40 8.65 -38.67
C LEU B 267 15.31 8.71 -37.64
N VAL B 268 15.63 8.31 -36.42
CA VAL B 268 14.64 8.34 -35.37
C VAL B 268 14.17 9.79 -35.12
N ARG B 269 15.10 10.72 -34.99
CA ARG B 269 14.70 12.07 -34.70
C ARG B 269 13.61 12.48 -35.69
N GLU B 270 13.85 12.22 -36.97
CA GLU B 270 12.97 12.66 -38.07
C GLU B 270 11.58 12.04 -38.05
N ARG B 271 11.50 10.72 -38.01
CA ARG B 271 10.19 10.07 -37.88
C ARG B 271 9.50 10.44 -36.54
N LEU B 272 10.29 10.86 -35.54
CA LEU B 272 9.71 11.30 -34.26
C LEU B 272 9.04 12.70 -34.40
N GLU B 273 9.74 13.60 -35.09
CA GLU B 273 9.21 14.94 -35.29
C GLU B 273 7.88 14.90 -36.08
N LYS B 274 7.84 14.05 -37.11
CA LYS B 274 6.66 13.95 -37.94
C LYS B 274 5.52 13.28 -37.17
N LEU B 275 5.78 12.19 -36.49
CA LEU B 275 4.75 11.59 -35.64
C LEU B 275 4.20 12.60 -34.66
N ILE B 276 5.08 13.47 -34.15
CA ILE B 276 4.71 14.47 -33.16
C ILE B 276 3.93 15.67 -33.76
N ALA B 277 4.08 15.92 -35.07
CA ALA B 277 3.20 16.87 -35.78
C ALA B 277 1.79 16.28 -36.03
N LEU B 278 1.77 15.03 -36.53
CA LEU B 278 0.52 14.27 -36.74
C LEU B 278 -0.27 14.20 -35.42
N ALA B 279 0.40 13.94 -34.31
CA ALA B 279 -0.26 13.92 -33.01
C ALA B 279 -0.90 15.26 -32.67
N LYS B 280 -0.17 16.33 -32.95
CA LYS B 280 -0.49 17.67 -32.47
C LYS B 280 -1.54 18.41 -33.31
N GLY B 281 -2.11 17.75 -34.30
CA GLY B 281 -3.15 18.32 -35.13
C GLY B 281 -2.62 19.25 -36.20
P PO4 C . -2.85 -30.86 24.86
O1 PO4 C . -1.39 -31.07 24.47
O2 PO4 C . -3.04 -29.59 25.67
O3 PO4 C . -3.68 -30.67 23.63
O4 PO4 C . -3.32 -32.08 25.63
C1 EDO D . -13.92 -11.48 13.24
O1 EDO D . -15.15 -12.22 13.19
C2 EDO D . -12.92 -12.30 12.45
O2 EDO D . -12.26 -13.20 13.35
C1 EDO E . 1.37 8.16 3.03
O1 EDO E . 1.44 9.46 2.46
C2 EDO E . 1.22 8.25 4.54
O2 EDO E . 2.51 8.20 5.11
C1 EDO F . -17.70 -4.50 18.30
O1 EDO F . -18.43 -5.27 19.30
C2 EDO F . -16.95 -3.29 18.87
O2 EDO F . -15.82 -3.64 19.73
C1 GOL G . -9.26 7.75 -5.72
O1 GOL G . -8.02 7.44 -5.08
C2 GOL G . -9.84 6.54 -6.46
O2 GOL G . -10.71 7.04 -7.50
C3 GOL G . -10.57 5.63 -5.45
O3 GOL G . -11.41 4.56 -5.93
#